data_4TX1
#
_entry.id   4TX1
#
_cell.length_a   126.238
_cell.length_b   126.238
_cell.length_c   191.101
_cell.angle_alpha   90.000
_cell.angle_beta   90.000
_cell.angle_gamma   90.000
#
_symmetry.space_group_name_H-M   'I 41 2 2'
#
loop_
_entity.id
_entity.type
_entity.pdbx_description
1 polymer Esterase
2 water water
#
_entity_poly.entity_id   1
_entity_poly.type   'polypeptide(L)'
_entity_poly.pdbx_seq_one_letter_code
;MRGSHHHHHHGSMKTVLCYGDSLTWGYDATGSGRHALEDRWPSVLQKALGSDAHVIAEGLNGRTTAYDDHLADCDRNGAR
VLPTVLHTHAPLDLIVFMLGSNDMKPIIHGTAFGAVKGIERLVNLVRRHDWPTETEEGPEILIVSPPPLCETANSAFAAM
FAGGVEQSAMLAPLYRDLADELDCGFFDGGSVARTTPIDGVHLDAENTRAVGRGLEPVVRMMLGL
;
_entity_poly.pdbx_strand_id   A,B,C
#
# COMPACT_ATOMS: atom_id res chain seq x y z
N MET A 13 -17.18 -17.89 3.91
CA MET A 13 -17.29 -16.61 4.73
C MET A 13 -16.96 -15.43 3.82
N LYS A 14 -17.90 -14.51 3.68
CA LYS A 14 -17.70 -13.34 2.82
C LYS A 14 -17.08 -12.22 3.68
N THR A 15 -16.23 -11.39 3.08
CA THR A 15 -15.67 -10.28 3.83
C THR A 15 -16.15 -9.02 3.17
N VAL A 16 -16.58 -8.09 4.02
CA VAL A 16 -17.16 -6.84 3.55
C VAL A 16 -16.38 -5.69 4.17
N LEU A 17 -15.86 -4.78 3.35
CA LEU A 17 -15.21 -3.56 3.85
C LEU A 17 -16.16 -2.40 3.72
N CYS A 18 -16.30 -1.66 4.81
CA CYS A 18 -17.14 -0.47 4.88
C CYS A 18 -16.25 0.77 5.01
N TYR A 19 -16.14 1.49 3.92
CA TYR A 19 -15.21 2.65 3.82
C TYR A 19 -15.95 3.91 3.82
N GLY A 20 -15.78 4.69 4.90
CA GLY A 20 -16.54 5.91 5.02
C GLY A 20 -15.93 6.95 5.96
N ASP A 21 -16.78 7.85 6.43
CA ASP A 21 -16.41 9.03 7.19
C ASP A 21 -17.01 8.95 8.60
N SER A 22 -17.28 10.08 9.21
CA SER A 22 -17.73 10.11 10.62
C SER A 22 -19.13 9.47 10.70
N LEU A 23 -19.86 9.41 9.62
CA LEU A 23 -21.13 8.69 9.64
C LEU A 23 -20.94 7.19 9.82
N THR A 24 -19.82 6.64 9.36
CA THR A 24 -19.47 5.27 9.51
C THR A 24 -18.71 5.00 10.79
N TRP A 25 -17.83 5.97 11.19
CA TRP A 25 -17.20 5.94 12.52
C TRP A 25 -18.30 5.84 13.59
N GLY A 26 -19.35 6.64 13.41
CA GLY A 26 -20.47 6.68 14.39
C GLY A 26 -20.40 7.93 15.30
N TYR A 27 -20.44 9.09 14.69
CA TYR A 27 -20.40 10.37 15.42
C TYR A 27 -21.70 10.77 16.09
N ASP A 28 -21.64 10.92 17.41
CA ASP A 28 -22.85 11.31 18.25
C ASP A 28 -22.72 12.79 18.49
N ALA A 29 -23.51 13.54 17.78
CA ALA A 29 -23.57 14.99 17.86
C ALA A 29 -24.09 15.52 19.20
N THR A 30 -24.84 14.72 19.92
CA THR A 30 -25.45 15.19 21.21
C THR A 30 -24.39 15.21 22.28
N GLY A 31 -23.63 14.12 22.37
CA GLY A 31 -22.54 13.97 23.36
C GLY A 31 -21.11 14.30 22.84
N SER A 32 -20.97 14.64 21.57
CA SER A 32 -19.67 14.79 20.88
C SER A 32 -18.77 13.61 21.20
N GLY A 33 -19.32 12.43 21.04
CA GLY A 33 -18.56 11.20 21.23
C GLY A 33 -18.91 10.22 20.14
N ARG A 34 -18.76 8.94 20.41
CA ARG A 34 -18.95 7.90 19.41
C ARG A 34 -20.16 7.07 19.80
N HIS A 35 -21.01 6.74 18.85
CA HIS A 35 -22.11 5.79 19.10
C HIS A 35 -21.55 4.48 19.62
N ALA A 36 -22.29 3.77 20.48
CA ALA A 36 -21.95 2.43 20.83
C ALA A 36 -21.76 1.54 19.65
N LEU A 37 -20.96 0.62 19.83
CA LEU A 37 -20.54 -0.34 18.76
C LEU A 37 -21.76 -0.86 18.09
N GLU A 38 -22.69 -1.35 18.92
CA GLU A 38 -23.82 -2.00 18.33
C GLU A 38 -24.73 -1.13 17.54
N ASP A 39 -24.64 0.20 17.64
CA ASP A 39 -25.42 1.17 16.90
C ASP A 39 -24.78 1.69 15.59
N ARG A 40 -23.51 1.33 15.36
CA ARG A 40 -22.83 1.75 14.13
C ARG A 40 -23.37 0.91 12.96
N TRP A 41 -23.49 1.48 11.76
CA TRP A 41 -24.12 0.79 10.69
C TRP A 41 -23.46 -0.46 10.22
N PRO A 42 -22.08 -0.51 10.23
CA PRO A 42 -21.48 -1.76 9.87
C PRO A 42 -21.76 -2.92 10.87
N SER A 43 -21.89 -2.59 12.15
CA SER A 43 -22.24 -3.54 13.21
C SER A 43 -23.66 -4.09 13.03
N VAL A 44 -24.58 -3.19 12.74
CA VAL A 44 -25.99 -3.59 12.44
C VAL A 44 -26.05 -4.52 11.23
N LEU A 45 -25.37 -4.16 10.14
CA LEU A 45 -25.17 -5.07 9.03
C LEU A 45 -24.58 -6.42 9.42
N GLN A 46 -23.51 -6.43 10.24
CA GLN A 46 -22.85 -7.66 10.58
C GLN A 46 -23.87 -8.58 11.33
N LYS A 47 -24.62 -7.96 12.21
CA LYS A 47 -25.55 -8.77 13.05
C LYS A 47 -26.60 -9.37 12.15
N ALA A 48 -27.08 -8.60 11.18
CA ALA A 48 -28.05 -9.07 10.21
C ALA A 48 -27.51 -10.19 9.34
N LEU A 49 -26.22 -10.17 8.96
CA LEU A 49 -25.68 -11.19 8.08
C LEU A 49 -25.27 -12.42 8.89
N GLY A 50 -24.96 -12.23 10.16
CA GLY A 50 -24.44 -13.26 11.02
C GLY A 50 -23.10 -13.84 10.58
N SER A 51 -22.88 -15.13 10.85
CA SER A 51 -21.63 -15.80 10.51
C SER A 51 -21.32 -16.06 9.02
N ASP A 52 -22.27 -15.80 8.13
CA ASP A 52 -22.00 -15.82 6.73
C ASP A 52 -20.97 -14.74 6.27
N ALA A 53 -20.80 -13.69 7.08
CA ALA A 53 -20.01 -12.50 6.66
C ALA A 53 -19.15 -11.98 7.78
N HIS A 54 -17.99 -11.37 7.42
CA HIS A 54 -17.14 -10.71 8.37
C HIS A 54 -17.09 -9.25 7.87
N VAL A 55 -17.66 -8.33 8.65
CA VAL A 55 -17.74 -6.90 8.27
C VAL A 55 -16.67 -6.09 8.98
N ILE A 56 -15.89 -5.36 8.15
CA ILE A 56 -14.78 -4.50 8.61
C ILE A 56 -15.17 -3.03 8.46
N ALA A 57 -15.09 -2.27 9.56
CA ALA A 57 -15.52 -0.87 9.58
C ALA A 57 -14.27 0.01 9.48
N GLU A 58 -14.26 0.87 8.46
CA GLU A 58 -13.15 1.82 8.31
C GLU A 58 -13.77 3.19 8.06
N GLY A 59 -14.30 3.79 9.09
CA GLY A 59 -14.83 5.12 9.05
C GLY A 59 -13.90 6.10 9.73
N LEU A 60 -13.52 7.09 8.99
CA LEU A 60 -12.61 8.17 9.43
C LEU A 60 -13.26 9.52 9.41
N ASN A 61 -13.29 10.18 10.57
CA ASN A 61 -13.90 11.47 10.67
C ASN A 61 -13.25 12.52 9.72
N GLY A 62 -14.06 13.16 8.89
CA GLY A 62 -13.66 14.16 7.93
C GLY A 62 -13.17 13.60 6.57
N ARG A 63 -13.23 12.31 6.38
CA ARG A 63 -12.71 11.74 5.17
C ARG A 63 -13.47 12.26 3.96
N THR A 64 -12.75 12.68 2.92
CA THR A 64 -13.29 13.13 1.67
C THR A 64 -13.15 11.99 0.64
N THR A 65 -13.79 12.16 -0.53
CA THR A 65 -13.68 11.15 -1.52
C THR A 65 -12.24 11.07 -2.03
N ALA A 66 -11.66 12.17 -2.45
CA ALA A 66 -10.36 12.14 -3.14
C ALA A 66 -9.61 13.45 -3.01
N TYR A 67 -9.83 14.14 -1.89
CA TYR A 67 -9.34 15.51 -1.69
C TYR A 67 -8.59 15.65 -0.39
N ASP A 68 -7.52 16.45 -0.40
CA ASP A 68 -6.73 16.63 0.79
C ASP A 68 -7.43 17.55 1.81
N ASP A 69 -7.23 17.23 3.05
CA ASP A 69 -7.69 17.99 4.20
C ASP A 69 -6.73 17.77 5.31
N HIS A 70 -5.96 18.82 5.68
CA HIS A 70 -4.86 18.74 6.64
C HIS A 70 -5.24 19.27 8.02
N LEU A 71 -6.54 19.33 8.29
CA LEU A 71 -7.02 19.88 9.52
C LEU A 71 -7.14 18.96 10.73
N ALA A 72 -6.76 17.72 10.56
CA ALA A 72 -6.78 16.77 11.67
C ALA A 72 -5.57 15.85 11.66
N ASP A 73 -5.48 15.04 12.69
CA ASP A 73 -4.33 14.18 12.87
C ASP A 73 -4.49 12.87 12.14
N CYS A 74 -4.53 12.93 10.81
CA CYS A 74 -4.86 11.79 9.96
C CYS A 74 -4.82 12.28 8.52
N ASP A 75 -4.82 11.33 7.59
CA ASP A 75 -4.94 11.64 6.13
C ASP A 75 -6.38 11.41 5.80
N ARG A 76 -7.07 12.53 5.50
CA ARG A 76 -8.52 12.52 5.19
C ARG A 76 -8.78 12.29 3.70
N ASN A 77 -7.73 12.17 2.89
CA ASN A 77 -8.00 11.94 1.46
C ASN A 77 -8.34 10.46 1.22
N GLY A 78 -9.61 10.22 0.84
CA GLY A 78 -10.04 8.85 0.78
C GLY A 78 -9.28 8.06 -0.24
N ALA A 79 -8.94 8.67 -1.34
CA ALA A 79 -8.26 7.97 -2.41
C ALA A 79 -6.81 7.65 -2.07
N ARG A 80 -6.11 8.55 -1.40
CA ARG A 80 -4.70 8.28 -1.04
C ARG A 80 -4.56 7.12 -0.07
N VAL A 81 -5.52 7.03 0.87
CA VAL A 81 -5.55 6.04 1.90
C VAL A 81 -6.06 4.67 1.43
N LEU A 82 -6.94 4.69 0.46
CA LEU A 82 -7.70 3.44 0.23
C LEU A 82 -6.84 2.22 -0.15
N PRO A 83 -5.78 2.39 -1.04
CA PRO A 83 -4.97 1.21 -1.33
C PRO A 83 -4.42 0.48 -0.12
N THR A 84 -3.93 1.21 0.87
CA THR A 84 -3.42 0.65 2.08
C THR A 84 -4.51 -0.09 2.87
N VAL A 85 -5.72 0.46 2.88
CA VAL A 85 -6.87 -0.22 3.51
C VAL A 85 -7.30 -1.49 2.77
N LEU A 86 -7.32 -1.41 1.45
CA LEU A 86 -7.67 -2.62 0.64
C LEU A 86 -6.67 -3.73 0.91
N HIS A 87 -5.42 -3.34 0.96
CA HIS A 87 -4.35 -4.28 1.09
C HIS A 87 -4.33 -4.96 2.44
N THR A 88 -4.65 -4.20 3.49
CA THR A 88 -4.72 -4.71 4.84
C THR A 88 -5.83 -5.74 4.99
N HIS A 89 -6.91 -5.57 4.28
CA HIS A 89 -8.11 -6.38 4.55
C HIS A 89 -8.41 -7.43 3.49
N ALA A 90 -7.64 -7.40 2.40
CA ALA A 90 -7.79 -8.34 1.29
C ALA A 90 -7.66 -9.78 1.82
N PRO A 91 -8.35 -10.71 1.19
CA PRO A 91 -9.23 -10.58 0.05
C PRO A 91 -10.63 -10.19 0.44
N LEU A 92 -11.25 -9.34 -0.38
CA LEU A 92 -12.54 -8.79 -0.09
C LEU A 92 -13.58 -9.27 -1.11
N ASP A 93 -14.78 -9.53 -0.62
CA ASP A 93 -15.95 -9.87 -1.47
C ASP A 93 -16.79 -8.68 -1.86
N LEU A 94 -16.81 -7.64 -1.01
CA LEU A 94 -17.57 -6.46 -1.26
C LEU A 94 -16.94 -5.25 -0.56
N ILE A 95 -16.89 -4.17 -1.30
CA ILE A 95 -16.48 -2.87 -0.70
C ILE A 95 -17.75 -2.04 -0.72
N VAL A 96 -18.12 -1.48 0.42
CA VAL A 96 -19.23 -0.55 0.53
C VAL A 96 -18.70 0.87 0.81
N PHE A 97 -18.98 1.81 -0.07
CA PHE A 97 -18.57 3.20 0.09
C PHE A 97 -19.73 4.02 0.61
N MET A 98 -19.46 4.79 1.64
CA MET A 98 -20.38 5.86 1.98
C MET A 98 -19.63 7.17 2.26
N LEU A 99 -19.42 7.95 1.21
CA LEU A 99 -18.64 9.17 1.28
C LEU A 99 -19.28 10.22 0.44
N GLY A 100 -18.98 11.47 0.78
CA GLY A 100 -19.40 12.67 0.06
C GLY A 100 -19.81 13.82 0.94
N SER A 101 -20.21 13.56 2.19
CA SER A 101 -20.62 14.64 3.09
C SER A 101 -19.51 15.68 3.28
N ASN A 102 -18.24 15.22 3.39
CA ASN A 102 -17.17 16.18 3.60
C ASN A 102 -16.79 16.94 2.35
N ASP A 103 -17.09 16.33 1.23
CA ASP A 103 -16.92 16.99 -0.07
C ASP A 103 -17.86 18.21 -0.22
N MET A 104 -18.92 18.27 0.63
CA MET A 104 -19.82 19.43 0.59
C MET A 104 -19.28 20.70 1.24
N LYS A 105 -18.15 20.58 1.95
CA LYS A 105 -17.45 21.71 2.49
C LYS A 105 -16.83 22.55 1.44
N PRO A 106 -17.10 23.86 1.44
CA PRO A 106 -16.41 24.75 0.48
C PRO A 106 -14.92 24.67 0.44
N ILE A 107 -14.29 24.49 1.57
CA ILE A 107 -12.84 24.37 1.61
C ILE A 107 -12.41 23.14 0.82
N ILE A 108 -13.26 22.11 0.68
CA ILE A 108 -12.87 20.89 -0.05
C ILE A 108 -13.16 21.06 -1.52
N HIS A 109 -14.42 21.40 -1.82
CA HIS A 109 -14.81 22.00 -3.09
C HIS A 109 -16.30 22.32 -3.08
N GLY A 110 -17.10 21.57 -2.34
CA GLY A 110 -18.49 21.89 -2.09
C GLY A 110 -19.47 21.41 -3.14
N THR A 111 -19.02 20.59 -4.08
CA THR A 111 -19.85 20.20 -5.22
C THR A 111 -20.22 18.72 -5.26
N ALA A 112 -21.51 18.43 -5.56
CA ALA A 112 -21.91 17.08 -5.79
C ALA A 112 -21.09 16.43 -6.90
N PHE A 113 -20.86 17.18 -7.96
CA PHE A 113 -20.15 16.63 -9.12
C PHE A 113 -18.70 16.23 -8.69
N GLY A 114 -18.05 17.06 -7.86
CA GLY A 114 -16.69 16.71 -7.41
C GLY A 114 -16.70 15.43 -6.55
N ALA A 115 -17.77 15.18 -5.80
CA ALA A 115 -17.92 14.01 -4.97
C ALA A 115 -18.08 12.79 -5.86
N VAL A 116 -18.96 12.86 -6.88
CA VAL A 116 -19.13 11.64 -7.69
C VAL A 116 -17.84 11.35 -8.48
N LYS A 117 -17.10 12.35 -8.94
CA LYS A 117 -15.79 12.08 -9.54
C LYS A 117 -14.85 11.41 -8.56
N GLY A 118 -14.88 11.81 -7.29
CA GLY A 118 -14.05 11.17 -6.26
C GLY A 118 -14.49 9.71 -6.09
N ILE A 119 -15.81 9.44 -6.03
CA ILE A 119 -16.23 8.03 -5.93
C ILE A 119 -15.75 7.21 -7.12
N GLU A 120 -15.82 7.80 -8.29
CA GLU A 120 -15.29 7.20 -9.50
C GLU A 120 -13.84 6.76 -9.37
N ARG A 121 -13.06 7.65 -8.81
CA ARG A 121 -11.67 7.33 -8.56
C ARG A 121 -11.52 6.15 -7.56
N LEU A 122 -12.29 6.17 -6.46
CA LEU A 122 -12.26 5.11 -5.52
C LEU A 122 -12.63 3.78 -6.18
N VAL A 123 -13.66 3.80 -7.02
CA VAL A 123 -14.07 2.55 -7.69
C VAL A 123 -12.87 2.03 -8.48
N ASN A 124 -12.25 2.90 -9.25
CA ASN A 124 -11.10 2.46 -10.08
C ASN A 124 -9.91 1.94 -9.25
N LEU A 125 -9.68 2.52 -8.06
CA LEU A 125 -8.64 2.02 -7.16
C LEU A 125 -8.94 0.60 -6.74
N VAL A 126 -10.21 0.25 -6.51
CA VAL A 126 -10.57 -1.09 -6.14
C VAL A 126 -10.29 -2.03 -7.36
N ARG A 127 -10.77 -1.60 -8.51
CA ARG A 127 -10.74 -2.45 -9.67
C ARG A 127 -9.34 -2.70 -10.15
N ARG A 128 -8.45 -1.78 -9.84
CA ARG A 128 -7.03 -1.95 -10.25
C ARG A 128 -6.05 -2.31 -9.19
N HIS A 129 -6.52 -2.59 -7.99
CA HIS A 129 -5.66 -2.87 -6.88
C HIS A 129 -4.81 -4.11 -7.13
N ASP A 130 -3.55 -4.07 -6.74
CA ASP A 130 -2.66 -5.23 -6.81
C ASP A 130 -2.73 -6.03 -5.53
N TRP A 131 -3.66 -6.97 -5.52
CA TRP A 131 -4.03 -7.67 -4.34
C TRP A 131 -2.82 -8.48 -3.75
N PRO A 132 -2.79 -8.69 -2.43
CA PRO A 132 -1.60 -9.27 -1.80
C PRO A 132 -1.33 -10.71 -2.11
N THR A 133 -2.35 -11.45 -2.42
CA THR A 133 -2.17 -12.81 -2.75
C THR A 133 -3.00 -13.02 -3.94
N GLU A 134 -2.63 -13.93 -4.85
CA GLU A 134 -3.37 -14.13 -6.13
C GLU A 134 -4.87 -14.25 -5.95
N THR A 135 -5.63 -13.71 -6.88
CA THR A 135 -7.02 -13.39 -6.54
C THR A 135 -8.29 -14.17 -7.00
N GLU A 136 -8.65 -14.35 -8.28
CA GLU A 136 -8.54 -13.48 -9.43
C GLU A 136 -9.83 -12.69 -9.64
N GLU A 137 -10.82 -13.05 -8.83
CA GLU A 137 -12.18 -12.51 -8.81
C GLU A 137 -12.26 -11.21 -8.09
N GLY A 138 -12.46 -10.11 -8.82
CA GLY A 138 -12.78 -8.80 -8.33
C GLY A 138 -13.87 -8.71 -7.27
N PRO A 139 -13.67 -7.85 -6.30
CA PRO A 139 -14.74 -7.63 -5.35
C PRO A 139 -15.91 -6.91 -6.00
N GLU A 140 -17.09 -7.14 -5.46
CA GLU A 140 -18.24 -6.34 -5.81
C GLU A 140 -18.11 -4.98 -5.10
N ILE A 141 -18.76 -3.98 -5.66
CA ILE A 141 -18.73 -2.62 -5.07
C ILE A 141 -20.13 -2.05 -4.93
N LEU A 142 -20.44 -1.55 -3.76
CA LEU A 142 -21.70 -0.88 -3.44
C LEU A 142 -21.42 0.60 -3.13
N ILE A 143 -22.05 1.47 -3.89
CA ILE A 143 -21.95 2.92 -3.72
C ILE A 143 -23.19 3.35 -2.91
N VAL A 144 -22.96 3.93 -1.74
CA VAL A 144 -24.05 4.42 -0.92
C VAL A 144 -24.02 5.95 -0.87
N SER A 145 -25.11 6.61 -1.26
CA SER A 145 -25.19 8.05 -1.15
C SER A 145 -25.55 8.32 0.37
N PRO A 146 -24.79 9.24 1.01
CA PRO A 146 -25.03 9.43 2.43
C PRO A 146 -26.39 10.22 2.57
N PRO A 147 -27.01 10.10 3.74
CA PRO A 147 -28.17 10.97 3.99
C PRO A 147 -27.83 12.41 3.84
N PRO A 148 -28.63 13.15 3.09
CA PRO A 148 -28.25 14.50 2.81
C PRO A 148 -28.28 15.50 3.98
N LEU A 149 -27.52 16.57 3.83
CA LEU A 149 -27.36 17.56 4.85
C LEU A 149 -28.70 18.26 5.09
N CYS A 150 -28.90 18.68 6.31
CA CYS A 150 -30.07 19.54 6.64
C CYS A 150 -29.64 20.88 7.21
N GLU A 151 -30.58 21.85 7.30
CA GLU A 151 -30.28 23.15 7.86
C GLU A 151 -30.04 23.03 9.36
N THR A 152 -29.15 23.86 9.85
CA THR A 152 -28.80 23.85 11.25
C THR A 152 -28.59 25.22 11.79
N ALA A 153 -28.94 25.38 13.09
CA ALA A 153 -28.68 26.62 13.82
C ALA A 153 -27.23 26.74 14.26
N ASN A 154 -26.47 25.64 14.14
CA ASN A 154 -25.07 25.60 14.64
C ASN A 154 -24.31 26.39 13.68
N SER A 155 -23.87 27.57 14.10
CA SER A 155 -23.29 28.50 13.16
C SER A 155 -21.92 28.01 12.62
N ALA A 156 -21.18 27.29 13.43
CA ALA A 156 -19.89 26.78 12.96
C ALA A 156 -20.11 25.72 11.88
N PHE A 157 -21.06 24.82 12.07
CA PHE A 157 -21.33 23.80 11.05
C PHE A 157 -21.98 24.40 9.79
N ALA A 158 -22.85 25.42 9.97
CA ALA A 158 -23.47 26.10 8.86
C ALA A 158 -22.42 26.76 7.96
N ALA A 159 -21.36 27.23 8.57
CA ALA A 159 -20.26 27.82 7.80
C ALA A 159 -19.45 26.78 7.15
N MET A 160 -19.09 25.78 7.94
CA MET A 160 -18.18 24.68 7.43
C MET A 160 -18.80 24.01 6.20
N PHE A 161 -20.13 23.86 6.18
CA PHE A 161 -20.85 23.16 5.13
C PHE A 161 -21.77 24.10 4.39
N ALA A 162 -21.40 25.37 4.30
CA ALA A 162 -22.23 26.35 3.58
C ALA A 162 -22.53 25.90 2.13
N GLY A 163 -23.78 25.90 1.75
CA GLY A 163 -24.19 25.44 0.38
C GLY A 163 -24.48 23.94 0.28
N GLY A 164 -24.13 23.21 1.31
CA GLY A 164 -24.17 21.74 1.30
C GLY A 164 -25.52 21.12 1.30
N VAL A 165 -26.54 21.83 1.82
CA VAL A 165 -27.87 21.20 1.80
C VAL A 165 -28.32 21.02 0.34
N GLU A 166 -28.18 22.08 -0.43
CA GLU A 166 -28.59 21.98 -1.82
C GLU A 166 -27.72 21.01 -2.64
N GLN A 167 -26.39 21.05 -2.43
CA GLN A 167 -25.51 20.10 -3.18
C GLN A 167 -25.68 18.66 -2.76
N SER A 168 -25.82 18.38 -1.46
CA SER A 168 -25.87 17.04 -1.04
C SER A 168 -27.11 16.34 -1.52
N ALA A 169 -28.16 17.12 -1.80
CA ALA A 169 -29.40 16.54 -2.34
C ALA A 169 -29.18 15.93 -3.69
N MET A 170 -28.11 16.37 -4.37
CA MET A 170 -27.78 15.86 -5.72
C MET A 170 -26.96 14.59 -5.71
N LEU A 171 -26.43 14.20 -4.54
CA LEU A 171 -25.58 12.99 -4.52
C LEU A 171 -26.29 11.70 -4.88
N ALA A 172 -27.53 11.46 -4.42
CA ALA A 172 -28.21 10.21 -4.74
C ALA A 172 -28.36 9.97 -6.29
N PRO A 173 -28.84 10.95 -7.05
CA PRO A 173 -29.04 10.66 -8.50
C PRO A 173 -27.70 10.52 -9.26
N LEU A 174 -26.71 11.35 -8.91
CA LEU A 174 -25.37 11.27 -9.49
C LEU A 174 -24.72 9.94 -9.13
N TYR A 175 -24.80 9.50 -7.85
CA TYR A 175 -24.18 8.25 -7.47
C TYR A 175 -24.86 7.06 -8.16
N ARG A 176 -26.22 7.14 -8.24
CA ARG A 176 -26.95 6.05 -8.89
C ARG A 176 -26.54 5.93 -10.37
N ASP A 177 -26.44 7.07 -11.05
CA ASP A 177 -25.99 7.16 -12.48
C ASP A 177 -24.58 6.56 -12.61
N LEU A 178 -23.68 6.92 -11.69
CA LEU A 178 -22.32 6.33 -11.68
C LEU A 178 -22.28 4.85 -11.51
N ALA A 179 -23.07 4.30 -10.56
CA ALA A 179 -23.13 2.92 -10.23
C ALA A 179 -23.53 2.16 -11.47
N ASP A 180 -24.50 2.74 -12.16
CA ASP A 180 -25.00 2.11 -13.43
C ASP A 180 -23.90 2.11 -14.50
N GLU A 181 -23.18 3.21 -14.64
CA GLU A 181 -22.09 3.41 -15.60
C GLU A 181 -20.96 2.46 -15.33
N LEU A 182 -20.66 2.21 -14.04
CA LEU A 182 -19.54 1.40 -13.66
C LEU A 182 -19.87 -0.01 -13.18
N ASP A 183 -21.10 -0.47 -13.33
CA ASP A 183 -21.41 -1.79 -12.81
C ASP A 183 -21.16 -2.03 -11.36
N CYS A 184 -21.62 -1.09 -10.56
CA CYS A 184 -21.58 -1.20 -9.12
C CYS A 184 -23.05 -1.26 -8.66
N GLY A 185 -23.23 -1.74 -7.43
CA GLY A 185 -24.51 -1.54 -6.73
C GLY A 185 -24.66 -0.12 -6.25
N PHE A 186 -25.91 0.24 -5.99
CA PHE A 186 -26.28 1.54 -5.45
C PHE A 186 -27.29 1.41 -4.31
N PHE A 187 -27.14 2.23 -3.29
CA PHE A 187 -28.24 2.41 -2.32
C PHE A 187 -28.27 3.87 -1.93
N ASP A 188 -29.45 4.43 -1.80
CA ASP A 188 -29.61 5.79 -1.27
C ASP A 188 -29.77 5.76 0.25
N GLY A 189 -28.72 6.11 1.02
CA GLY A 189 -28.81 6.14 2.47
C GLY A 189 -29.92 7.03 2.98
N GLY A 190 -30.25 8.07 2.21
CA GLY A 190 -31.20 9.05 2.60
C GLY A 190 -32.61 8.52 2.49
N SER A 191 -32.75 7.38 1.83
CA SER A 191 -34.05 6.66 1.72
C SER A 191 -34.50 6.01 3.01
N VAL A 192 -33.59 5.80 3.94
CA VAL A 192 -33.89 5.13 5.21
C VAL A 192 -33.53 5.93 6.45
N ALA A 193 -32.79 7.03 6.28
CA ALA A 193 -32.16 7.78 7.38
C ALA A 193 -32.07 9.23 7.05
N ARG A 194 -32.05 10.06 8.09
CA ARG A 194 -31.86 11.44 7.95
C ARG A 194 -30.85 11.98 8.98
N THR A 195 -30.28 13.10 8.60
CA THR A 195 -29.28 13.83 9.37
C THR A 195 -29.99 14.61 10.50
N THR A 196 -29.21 14.88 11.55
CA THR A 196 -29.70 15.62 12.67
C THR A 196 -29.51 17.13 12.53
N PRO A 197 -30.54 17.94 12.80
CA PRO A 197 -30.33 19.36 12.80
C PRO A 197 -29.46 19.98 13.92
N ILE A 198 -29.05 19.20 14.87
CA ILE A 198 -28.07 19.61 15.93
C ILE A 198 -26.80 20.19 15.20
N ASP A 199 -26.46 19.57 14.06
CA ASP A 199 -25.31 20.07 13.28
C ASP A 199 -25.41 19.96 11.77
N GLY A 200 -26.48 19.37 11.27
CA GLY A 200 -26.80 19.35 9.86
C GLY A 200 -26.22 18.20 9.05
N VAL A 201 -25.26 17.47 9.62
CA VAL A 201 -24.48 16.49 8.85
C VAL A 201 -24.42 15.09 9.43
N HIS A 202 -24.44 14.96 10.77
CA HIS A 202 -24.32 13.69 11.41
C HIS A 202 -25.65 12.93 11.52
N LEU A 203 -25.54 11.68 11.89
CA LEU A 203 -26.73 10.80 12.16
C LEU A 203 -26.79 10.48 13.65
N ASP A 204 -27.99 10.56 14.24
CA ASP A 204 -28.11 10.07 15.58
C ASP A 204 -28.10 8.55 15.58
N ALA A 205 -28.23 7.91 16.76
CA ALA A 205 -28.03 6.45 16.88
C ALA A 205 -29.04 5.66 16.08
N GLU A 206 -30.29 6.06 16.20
CA GLU A 206 -31.30 5.32 15.45
C GLU A 206 -31.11 5.48 13.98
N ASN A 207 -30.78 6.69 13.50
CA ASN A 207 -30.61 6.93 12.08
C ASN A 207 -29.38 6.20 11.54
N THR A 208 -28.39 6.03 12.38
CA THR A 208 -27.20 5.23 11.98
C THR A 208 -27.59 3.73 11.87
N ARG A 209 -28.37 3.23 12.85
CA ARG A 209 -28.87 1.85 12.75
C ARG A 209 -29.73 1.59 11.50
N ALA A 210 -30.49 2.58 11.07
CA ALA A 210 -31.43 2.50 9.95
C ALA A 210 -30.68 2.29 8.68
N VAL A 211 -29.52 2.96 8.55
CA VAL A 211 -28.67 2.73 7.39
C VAL A 211 -28.26 1.30 7.35
N GLY A 212 -27.75 0.74 8.44
CA GLY A 212 -27.28 -0.61 8.46
C GLY A 212 -28.38 -1.61 8.12
N ARG A 213 -29.57 -1.40 8.69
CA ARG A 213 -30.74 -2.31 8.40
C ARG A 213 -31.16 -2.18 6.97
N GLY A 214 -31.21 -0.95 6.48
CA GLY A 214 -31.53 -0.65 5.13
C GLY A 214 -30.65 -1.28 4.06
N LEU A 215 -29.36 -1.44 4.37
CA LEU A 215 -28.41 -2.05 3.40
C LEU A 215 -28.48 -3.56 3.32
N GLU A 216 -29.14 -4.20 4.27
CA GLU A 216 -29.04 -5.67 4.32
C GLU A 216 -29.47 -6.35 3.00
N PRO A 217 -30.63 -5.97 2.41
CA PRO A 217 -31.09 -6.67 1.20
C PRO A 217 -30.14 -6.53 0.02
N VAL A 218 -29.64 -5.30 -0.27
CA VAL A 218 -28.74 -5.10 -1.40
C VAL A 218 -27.40 -5.76 -1.09
N VAL A 219 -26.97 -5.74 0.16
CA VAL A 219 -25.76 -6.46 0.56
C VAL A 219 -25.86 -7.97 0.38
N ARG A 220 -26.92 -8.59 0.89
CA ARG A 220 -27.17 -9.94 0.43
C ARG A 220 -27.25 -10.10 -1.08
N MET A 221 -28.03 -9.37 -1.80
CA MET A 221 -28.04 -9.66 -3.21
C MET A 221 -26.61 -9.74 -3.79
N MET A 222 -25.78 -8.77 -3.46
CA MET A 222 -24.44 -8.69 -4.01
C MET A 222 -23.50 -9.74 -3.52
N LEU A 223 -23.73 -10.30 -2.35
CA LEU A 223 -22.86 -11.34 -1.83
C LEU A 223 -23.37 -12.79 -2.23
N GLY A 224 -24.51 -12.88 -2.91
CA GLY A 224 -25.32 -14.14 -3.06
C GLY A 224 -25.72 -14.75 -1.73
N LEU A 225 -26.07 -13.87 -0.77
CA LEU A 225 -26.06 -14.10 0.68
C LEU A 225 -24.67 -14.44 1.22
N MET B 13 -16.93 -2.15 27.72
CA MET B 13 -16.38 -2.85 26.51
C MET B 13 -15.01 -2.21 26.20
N LYS B 14 -13.91 -2.97 26.24
CA LYS B 14 -12.52 -2.44 25.91
C LYS B 14 -12.27 -2.61 24.43
N THR B 15 -11.56 -1.66 23.81
CA THR B 15 -11.24 -1.78 22.40
C THR B 15 -9.72 -1.88 22.25
N VAL B 16 -9.32 -2.87 21.50
CA VAL B 16 -7.91 -3.24 21.32
C VAL B 16 -7.58 -3.13 19.85
N LEU B 17 -6.54 -2.33 19.51
CA LEU B 17 -6.04 -2.31 18.12
C LEU B 17 -4.80 -3.12 18.00
N CYS B 18 -4.79 -4.01 17.01
CA CYS B 18 -3.67 -4.86 16.70
C CYS B 18 -2.99 -4.36 15.43
N TYR B 19 -1.80 -3.76 15.58
CA TYR B 19 -1.14 -3.06 14.47
C TYR B 19 0.11 -3.81 14.09
N GLY B 20 0.05 -4.46 12.93
CA GLY B 20 1.14 -5.38 12.55
C GLY B 20 1.38 -5.47 11.06
N ASP B 21 2.06 -6.55 10.66
CA ASP B 21 2.47 -6.82 9.32
C ASP B 21 1.89 -8.14 8.83
N SER B 22 2.55 -8.86 7.92
CA SER B 22 1.95 -10.08 7.37
C SER B 22 1.70 -11.12 8.48
N LEU B 23 2.44 -11.08 9.59
CA LEU B 23 2.17 -12.08 10.65
C LEU B 23 0.81 -11.84 11.31
N THR B 24 0.35 -10.56 11.28
CA THR B 24 -0.90 -10.16 11.82
C THR B 24 -1.99 -10.24 10.75
N TRP B 25 -1.66 -9.95 9.47
CA TRP B 25 -2.59 -10.19 8.35
C TRP B 25 -2.95 -11.72 8.30
N GLY B 26 -1.93 -12.52 8.50
CA GLY B 26 -2.08 -14.00 8.58
C GLY B 26 -1.60 -14.63 7.28
N TYR B 27 -0.30 -14.52 7.00
CA TYR B 27 0.26 -14.96 5.77
C TYR B 27 0.62 -16.49 5.82
N ASP B 28 0.17 -17.23 4.82
CA ASP B 28 0.48 -18.72 4.69
C ASP B 28 1.64 -18.89 3.72
N ALA B 29 2.81 -19.26 4.26
CA ALA B 29 4.07 -19.45 3.55
C ALA B 29 3.93 -20.49 2.41
N THR B 30 2.92 -21.34 2.47
CA THR B 30 2.71 -22.44 1.49
C THR B 30 1.81 -22.05 0.34
N GLY B 31 0.50 -22.08 0.67
CA GLY B 31 -0.64 -21.68 -0.19
C GLY B 31 -0.38 -20.36 -0.83
N SER B 32 0.61 -19.63 -0.32
CA SER B 32 0.82 -18.22 -0.69
C SER B 32 -0.50 -17.37 -0.49
N GLY B 33 -1.39 -17.86 0.39
CA GLY B 33 -2.75 -17.31 0.65
C GLY B 33 -2.86 -16.71 2.05
N ARG B 34 -4.13 -16.51 2.49
CA ARG B 34 -4.41 -15.97 3.79
C ARG B 34 -4.91 -16.99 4.76
N HIS B 35 -4.31 -17.03 5.97
CA HIS B 35 -4.85 -17.91 7.00
C HIS B 35 -6.34 -17.60 7.16
N ALA B 36 -7.13 -18.63 7.50
CA ALA B 36 -8.55 -18.39 7.80
C ALA B 36 -8.73 -17.40 8.97
N LEU B 37 -9.82 -16.77 9.03
CA LEU B 37 -10.09 -15.76 10.06
C LEU B 37 -9.89 -16.24 11.48
N GLU B 38 -10.40 -17.42 11.77
CA GLU B 38 -10.22 -17.92 13.10
C GLU B 38 -8.77 -18.34 13.45
N ASP B 39 -7.90 -18.47 12.44
CA ASP B 39 -6.46 -18.85 12.68
C ASP B 39 -5.51 -17.59 12.82
N ARG B 40 -6.07 -16.40 12.64
CA ARG B 40 -5.28 -15.17 12.84
C ARG B 40 -5.18 -14.81 14.30
N TRP B 41 -4.06 -14.26 14.70
CA TRP B 41 -3.89 -13.99 16.11
C TRP B 41 -4.83 -13.04 16.78
N PRO B 42 -5.23 -11.97 16.14
CA PRO B 42 -6.24 -11.13 16.80
C PRO B 42 -7.60 -11.80 16.99
N SER B 43 -7.89 -12.74 16.12
CA SER B 43 -9.16 -13.51 16.23
C SER B 43 -9.14 -14.46 17.40
N VAL B 44 -8.04 -15.13 17.54
CA VAL B 44 -7.77 -15.96 18.76
C VAL B 44 -7.87 -15.16 20.03
N LEU B 45 -7.29 -13.95 20.07
CA LEU B 45 -7.34 -13.09 21.20
C LEU B 45 -8.78 -12.67 21.48
N GLN B 46 -9.51 -12.29 20.42
CA GLN B 46 -10.91 -11.88 20.50
C GLN B 46 -11.76 -13.01 21.14
N LYS B 47 -11.53 -14.21 20.62
CA LYS B 47 -12.32 -15.43 21.07
C LYS B 47 -12.07 -15.65 22.54
N ALA B 48 -10.81 -15.55 22.94
CA ALA B 48 -10.43 -15.61 24.36
C ALA B 48 -11.06 -14.54 25.25
N LEU B 49 -11.16 -13.29 24.76
CA LEU B 49 -11.59 -12.24 25.61
C LEU B 49 -13.15 -12.19 25.66
N GLY B 50 -13.75 -12.69 24.60
CA GLY B 50 -15.19 -12.69 24.36
C GLY B 50 -15.77 -11.30 24.31
N SER B 51 -16.90 -11.13 24.97
CA SER B 51 -17.59 -9.82 24.89
C SER B 51 -17.03 -8.72 25.83
N ASP B 52 -16.01 -9.00 26.59
CA ASP B 52 -15.36 -7.99 27.35
C ASP B 52 -14.53 -7.02 26.41
N ALA B 53 -14.34 -7.40 25.16
CA ALA B 53 -13.43 -6.58 24.27
C ALA B 53 -13.84 -6.66 22.86
N HIS B 54 -13.50 -5.62 22.07
CA HIS B 54 -13.67 -5.61 20.67
C HIS B 54 -12.21 -5.46 20.12
N VAL B 55 -11.76 -6.46 19.41
CA VAL B 55 -10.39 -6.47 18.82
C VAL B 55 -10.43 -6.11 17.38
N ILE B 56 -9.53 -5.19 16.97
CA ILE B 56 -9.51 -4.68 15.59
C ILE B 56 -8.14 -5.06 15.00
N ALA B 57 -8.15 -5.79 13.89
CA ALA B 57 -6.94 -6.31 13.28
C ALA B 57 -6.55 -5.32 12.14
N GLU B 58 -5.31 -4.83 12.19
CA GLU B 58 -4.72 -3.91 11.16
C GLU B 58 -3.33 -4.42 10.85
N GLY B 59 -3.32 -5.54 10.11
CA GLY B 59 -2.12 -6.18 9.66
C GLY B 59 -1.89 -5.98 8.19
N LEU B 60 -0.78 -5.31 7.82
CA LEU B 60 -0.42 -5.04 6.44
C LEU B 60 0.86 -5.72 6.00
N ASN B 61 0.79 -6.52 4.94
CA ASN B 61 1.92 -7.21 4.48
C ASN B 61 3.04 -6.27 4.11
N GLY B 62 4.23 -6.55 4.58
CA GLY B 62 5.38 -5.71 4.35
C GLY B 62 5.54 -4.50 5.25
N ARG B 63 4.63 -4.24 6.15
CA ARG B 63 4.74 -3.07 7.00
C ARG B 63 6.02 -3.04 7.85
N THR B 64 6.74 -1.92 7.82
CA THR B 64 7.88 -1.68 8.62
C THR B 64 7.51 -0.85 9.84
N THR B 65 8.41 -0.69 10.78
CA THR B 65 8.16 0.15 11.91
C THR B 65 7.99 1.63 11.51
N ALA B 66 8.96 2.19 10.80
CA ALA B 66 8.95 3.63 10.50
C ALA B 66 9.74 3.97 9.25
N TYR B 67 9.71 3.06 8.28
CA TYR B 67 10.58 3.11 7.07
C TYR B 67 9.77 2.89 5.77
N ASP B 68 10.07 3.72 4.76
CA ASP B 68 9.38 3.63 3.53
C ASP B 68 9.76 2.33 2.79
N ASP B 69 8.79 1.81 2.03
CA ASP B 69 8.95 0.66 1.16
C ASP B 69 7.92 0.73 0.06
N HIS B 70 8.35 1.02 -1.17
CA HIS B 70 7.49 1.33 -2.30
C HIS B 70 7.27 0.13 -3.18
N LEU B 71 7.55 -1.05 -2.68
CA LEU B 71 7.43 -2.27 -3.51
C LEU B 71 6.03 -2.93 -3.63
N ALA B 72 4.97 -2.32 -3.04
CA ALA B 72 3.65 -2.92 -3.12
C ALA B 72 2.66 -1.77 -3.23
N ASP B 73 1.41 -2.15 -3.42
CA ASP B 73 0.34 -1.19 -3.66
C ASP B 73 -0.28 -0.72 -2.37
N CYS B 74 0.52 -0.01 -1.61
CA CYS B 74 0.14 0.40 -0.25
C CYS B 74 1.28 1.19 0.35
N ASP B 75 1.00 1.84 1.48
CA ASP B 75 2.10 2.55 2.20
C ASP B 75 2.51 1.67 3.31
N ARG B 76 3.74 1.19 3.25
CA ARG B 76 4.31 0.23 4.22
C ARG B 76 5.02 0.85 5.36
N ASN B 77 5.06 2.16 5.42
CA ASN B 77 5.66 2.83 6.53
C ASN B 77 4.72 2.83 7.71
N GLY B 78 5.06 2.05 8.74
CA GLY B 78 4.15 1.99 9.90
C GLY B 78 3.82 3.29 10.53
N ALA B 79 4.83 4.11 10.68
CA ALA B 79 4.67 5.42 11.26
C ALA B 79 3.79 6.38 10.47
N ARG B 80 3.89 6.39 9.15
CA ARG B 80 3.10 7.35 8.38
C ARG B 80 1.59 7.16 8.55
N VAL B 81 1.29 5.87 8.49
CA VAL B 81 -0.04 5.35 8.42
C VAL B 81 -0.73 5.31 9.77
N LEU B 82 0.06 5.13 10.82
CA LEU B 82 -0.58 4.89 12.10
C LEU B 82 -1.52 5.99 12.60
N PRO B 83 -1.24 7.29 12.46
CA PRO B 83 -2.22 8.26 12.93
C PRO B 83 -3.59 8.08 12.30
N THR B 84 -3.65 7.74 11.02
CA THR B 84 -4.91 7.54 10.30
C THR B 84 -5.68 6.35 10.94
N VAL B 85 -4.94 5.30 11.23
CA VAL B 85 -5.49 4.04 11.80
C VAL B 85 -6.01 4.33 13.22
N LEU B 86 -5.20 5.01 14.04
CA LEU B 86 -5.64 5.42 15.35
C LEU B 86 -6.91 6.23 15.32
N HIS B 87 -6.99 7.17 14.37
CA HIS B 87 -8.13 8.08 14.31
C HIS B 87 -9.38 7.35 13.89
N THR B 88 -9.22 6.39 13.03
CA THR B 88 -10.31 5.55 12.49
C THR B 88 -10.94 4.70 13.58
N HIS B 89 -10.11 4.23 14.51
CA HIS B 89 -10.57 3.26 15.51
C HIS B 89 -10.73 3.76 16.93
N ALA B 90 -10.46 5.04 17.16
CA ALA B 90 -10.59 5.66 18.50
C ALA B 90 -12.04 5.64 18.91
N PRO B 91 -12.30 5.58 20.20
CA PRO B 91 -11.32 5.53 21.33
C PRO B 91 -10.82 4.17 21.56
N LEU B 92 -9.51 4.10 21.90
CA LEU B 92 -8.82 2.84 22.09
C LEU B 92 -8.38 2.68 23.55
N ASP B 93 -8.50 1.46 24.10
CA ASP B 93 -7.98 1.17 25.45
C ASP B 93 -6.60 0.60 25.43
N LEU B 94 -6.26 -0.08 24.34
CA LEU B 94 -4.98 -0.75 24.16
C LEU B 94 -4.59 -0.84 22.68
N ILE B 95 -3.31 -0.55 22.41
CA ILE B 95 -2.69 -0.74 21.11
C ILE B 95 -1.65 -1.87 21.31
N VAL B 96 -1.74 -2.91 20.52
CA VAL B 96 -0.76 -3.98 20.50
C VAL B 96 0.04 -3.87 19.20
N PHE B 97 1.32 -3.61 19.31
CA PHE B 97 2.16 -3.62 18.15
C PHE B 97 2.92 -4.94 18.00
N MET B 98 2.98 -5.42 16.78
CA MET B 98 3.90 -6.53 16.43
C MET B 98 4.53 -6.27 15.09
N LEU B 99 5.64 -5.54 15.15
CA LEU B 99 6.41 -5.15 14.00
C LEU B 99 7.92 -5.27 14.25
N GLY B 100 8.63 -5.42 13.16
CA GLY B 100 10.05 -5.55 13.17
C GLY B 100 10.64 -6.55 12.20
N SER B 101 9.86 -7.56 11.80
CA SER B 101 10.36 -8.50 10.82
C SER B 101 10.83 -7.82 9.56
N ASN B 102 10.02 -6.92 9.04
CA ASN B 102 10.39 -6.30 7.76
C ASN B 102 11.58 -5.40 7.85
N ASP B 103 11.78 -4.82 9.00
CA ASP B 103 12.97 -4.02 9.30
C ASP B 103 14.22 -4.87 9.15
N MET B 104 14.10 -6.21 9.23
CA MET B 104 15.26 -7.04 9.03
C MET B 104 15.77 -7.18 7.61
N LYS B 105 15.03 -6.69 6.64
CA LYS B 105 15.48 -6.67 5.28
C LYS B 105 16.57 -5.64 5.10
N PRO B 106 17.70 -6.05 4.50
CA PRO B 106 18.69 -5.05 4.20
C PRO B 106 18.21 -3.86 3.38
N ILE B 107 17.23 -4.04 2.48
CA ILE B 107 16.67 -2.86 1.76
C ILE B 107 16.03 -1.86 2.73
N ILE B 108 15.56 -2.26 3.90
CA ILE B 108 14.92 -1.34 4.83
C ILE B 108 15.95 -0.76 5.76
N HIS B 109 16.75 -1.60 6.36
CA HIS B 109 17.98 -1.22 7.10
C HIS B 109 18.64 -2.46 7.66
N GLY B 110 17.86 -3.44 8.12
CA GLY B 110 18.39 -4.73 8.54
C GLY B 110 18.91 -4.75 9.98
N THR B 111 18.62 -3.75 10.79
CA THR B 111 19.14 -3.70 12.17
C THR B 111 18.07 -3.85 13.24
N ALA B 112 18.31 -4.69 14.25
CA ALA B 112 17.45 -4.66 15.42
C ALA B 112 17.35 -3.29 16.03
N PHE B 113 18.48 -2.54 16.06
CA PHE B 113 18.40 -1.24 16.68
C PHE B 113 17.47 -0.28 15.92
N GLY B 114 17.54 -0.24 14.61
CA GLY B 114 16.65 0.59 13.84
C GLY B 114 15.16 0.23 14.07
N ALA B 115 14.89 -1.04 14.26
CA ALA B 115 13.52 -1.49 14.57
C ALA B 115 13.02 -1.00 15.90
N VAL B 116 13.87 -1.06 16.95
CA VAL B 116 13.40 -0.61 18.25
C VAL B 116 13.23 0.90 18.23
N LYS B 117 14.04 1.61 17.46
CA LYS B 117 13.82 3.05 17.40
C LYS B 117 12.50 3.34 16.70
N GLY B 118 12.16 2.53 15.72
CA GLY B 118 10.89 2.63 14.97
C GLY B 118 9.73 2.41 15.91
N ILE B 119 9.83 1.35 16.71
CA ILE B 119 8.79 1.08 17.73
C ILE B 119 8.62 2.30 18.65
N GLU B 120 9.73 2.87 19.11
CA GLU B 120 9.65 4.06 19.93
C GLU B 120 8.84 5.16 19.29
N ARG B 121 9.07 5.38 18.02
CA ARG B 121 8.33 6.40 17.32
C ARG B 121 6.82 6.08 17.30
N LEU B 122 6.50 4.83 17.01
CA LEU B 122 5.06 4.40 17.08
C LEU B 122 4.46 4.60 18.45
N VAL B 123 5.19 4.31 19.53
CA VAL B 123 4.71 4.57 20.88
C VAL B 123 4.38 6.06 21.10
N ASN B 124 5.27 6.92 20.66
CA ASN B 124 5.06 8.30 20.81
C ASN B 124 3.94 8.83 19.94
N LEU B 125 3.73 8.24 18.76
CA LEU B 125 2.57 8.62 17.94
C LEU B 125 1.26 8.31 18.69
N VAL B 126 1.20 7.19 19.41
CA VAL B 126 -0.02 6.87 20.18
C VAL B 126 -0.16 7.90 21.29
N ARG B 127 0.93 8.17 21.98
CA ARG B 127 0.87 9.03 23.14
C ARG B 127 0.51 10.49 22.86
N ARG B 128 0.87 10.95 21.69
CA ARG B 128 0.62 12.30 21.27
C ARG B 128 -0.55 12.49 20.27
N HIS B 129 -1.26 11.41 19.92
CA HIS B 129 -2.36 11.50 18.97
C HIS B 129 -3.48 12.43 19.39
N ASP B 130 -3.91 13.24 18.47
CA ASP B 130 -5.03 14.18 18.69
C ASP B 130 -6.36 13.52 18.35
N TRP B 131 -6.95 12.91 19.35
CA TRP B 131 -8.09 11.96 19.22
C TRP B 131 -9.30 12.69 18.58
N PRO B 132 -10.17 11.96 17.91
CA PRO B 132 -11.34 12.59 17.22
C PRO B 132 -12.28 13.22 18.16
N THR B 133 -12.37 12.70 19.38
CA THR B 133 -13.28 13.32 20.35
C THR B 133 -12.53 13.37 21.69
N GLU B 134 -13.08 14.13 22.62
CA GLU B 134 -12.45 14.42 23.87
C GLU B 134 -12.19 13.19 24.65
N THR B 135 -10.96 13.11 25.11
CA THR B 135 -10.33 11.92 25.58
C THR B 135 -9.42 12.28 26.75
N GLU B 136 -9.71 11.76 27.91
CA GLU B 136 -8.87 12.09 29.06
C GLU B 136 -7.53 11.38 29.04
N GLU B 137 -7.62 10.06 28.94
CA GLU B 137 -6.57 9.12 29.27
C GLU B 137 -6.07 8.25 28.14
N GLY B 138 -4.77 8.32 27.84
CA GLY B 138 -4.16 7.51 26.85
C GLY B 138 -4.54 6.03 26.92
N PRO B 139 -4.52 5.40 25.78
CA PRO B 139 -4.52 4.01 25.73
C PRO B 139 -3.24 3.44 26.40
N GLU B 140 -3.37 2.19 26.83
CA GLU B 140 -2.25 1.36 27.22
C GLU B 140 -1.58 0.87 25.89
N ILE B 141 -0.32 0.51 25.96
CA ILE B 141 0.42 0.05 24.80
C ILE B 141 1.21 -1.21 25.15
N LEU B 142 1.14 -2.16 24.38
CA LEU B 142 1.80 -3.47 24.45
C LEU B 142 2.68 -3.67 23.22
N ILE B 143 4.02 -3.73 23.53
CA ILE B 143 4.98 -4.01 22.50
C ILE B 143 5.27 -5.51 22.41
N VAL B 144 5.08 -6.09 21.24
CA VAL B 144 5.32 -7.53 20.99
C VAL B 144 6.52 -7.68 20.07
N SER B 145 7.57 -8.36 20.55
CA SER B 145 8.64 -8.72 19.62
C SER B 145 8.19 -9.86 18.73
N PRO B 146 8.39 -9.80 17.39
CA PRO B 146 7.91 -10.87 16.57
C PRO B 146 8.75 -12.15 16.76
N PRO B 147 8.19 -13.31 16.48
CA PRO B 147 9.08 -14.48 16.48
C PRO B 147 10.30 -14.33 15.54
N PRO B 148 11.49 -14.69 16.03
CA PRO B 148 12.66 -14.46 15.18
C PRO B 148 12.74 -15.26 13.94
N LEU B 149 13.41 -14.78 12.94
CA LEU B 149 13.59 -15.43 11.66
C LEU B 149 14.43 -16.71 11.80
N CYS B 150 14.21 -17.60 10.96
CA CYS B 150 15.02 -18.80 10.94
C CYS B 150 15.65 -18.97 9.58
N GLU B 151 16.64 -19.87 9.51
CA GLU B 151 17.25 -20.19 8.21
C GLU B 151 16.29 -20.88 7.27
N THR B 152 16.42 -20.57 5.98
CA THR B 152 15.54 -21.11 4.95
C THR B 152 16.29 -21.44 3.66
N ALA B 153 15.91 -22.54 3.00
CA ALA B 153 16.48 -22.92 1.68
C ALA B 153 15.83 -22.13 0.54
N ASN B 154 14.79 -21.32 0.84
CA ASN B 154 14.11 -20.50 -0.12
C ASN B 154 15.04 -19.37 -0.47
N SER B 155 15.59 -19.39 -1.68
CA SER B 155 16.69 -18.49 -1.94
C SER B 155 16.22 -17.01 -2.11
N ALA B 156 15.00 -16.81 -2.59
CA ALA B 156 14.45 -15.40 -2.66
C ALA B 156 14.26 -14.81 -1.25
N PHE B 157 13.65 -15.57 -0.33
CA PHE B 157 13.55 -15.15 1.06
C PHE B 157 14.84 -14.99 1.81
N ALA B 158 15.78 -15.92 1.58
CA ALA B 158 17.06 -15.81 2.15
C ALA B 158 17.80 -14.56 1.72
N ALA B 159 17.60 -14.16 0.48
CA ALA B 159 18.20 -12.93 -0.04
C ALA B 159 17.48 -11.68 0.61
N MET B 160 16.18 -11.72 0.57
CA MET B 160 15.38 -10.60 1.02
C MET B 160 15.62 -10.24 2.47
N PHE B 161 15.85 -11.26 3.26
CA PHE B 161 16.08 -11.15 4.69
C PHE B 161 17.49 -11.49 5.15
N ALA B 162 18.44 -11.34 4.24
CA ALA B 162 19.85 -11.67 4.53
C ALA B 162 20.36 -11.00 5.76
N GLY B 163 20.87 -11.82 6.68
CA GLY B 163 21.36 -11.29 7.98
C GLY B 163 20.32 -11.23 9.09
N GLY B 164 19.09 -11.48 8.69
CA GLY B 164 17.99 -11.26 9.59
C GLY B 164 17.84 -12.27 10.70
N VAL B 165 18.41 -13.48 10.49
CA VAL B 165 18.40 -14.44 11.58
C VAL B 165 19.11 -13.91 12.79
N GLU B 166 20.33 -13.40 12.62
CA GLU B 166 21.07 -12.95 13.73
C GLU B 166 20.49 -11.65 14.29
N GLN B 167 20.01 -10.75 13.42
CA GLN B 167 19.51 -9.48 13.98
C GLN B 167 18.14 -9.63 14.71
N SER B 168 17.28 -10.49 14.18
CA SER B 168 15.93 -10.61 14.69
C SER B 168 15.98 -11.23 16.10
N ALA B 169 17.05 -12.03 16.40
CA ALA B 169 17.22 -12.55 17.75
C ALA B 169 17.42 -11.46 18.77
N MET B 170 17.87 -10.25 18.36
CA MET B 170 18.03 -9.11 19.26
C MET B 170 16.76 -8.26 19.57
N LEU B 171 15.70 -8.51 18.82
CA LEU B 171 14.51 -7.71 18.98
C LEU B 171 13.93 -7.86 20.38
N ALA B 172 13.85 -9.08 20.91
CA ALA B 172 13.16 -9.28 22.23
C ALA B 172 13.83 -8.53 23.37
N PRO B 173 15.18 -8.61 23.54
CA PRO B 173 15.77 -7.86 24.60
C PRO B 173 15.72 -6.36 24.40
N LEU B 174 15.84 -5.89 23.16
CA LEU B 174 15.75 -4.43 22.88
C LEU B 174 14.30 -3.94 23.12
N TYR B 175 13.32 -4.67 22.64
CA TYR B 175 11.93 -4.29 22.80
C TYR B 175 11.55 -4.31 24.31
N ARG B 176 12.00 -5.32 25.03
CA ARG B 176 11.70 -5.39 26.48
C ARG B 176 12.27 -4.13 27.22
N ASP B 177 13.50 -3.78 26.93
CA ASP B 177 14.14 -2.57 27.51
C ASP B 177 13.41 -1.32 27.17
N LEU B 178 12.97 -1.23 25.93
CA LEU B 178 12.16 -0.07 25.55
C LEU B 178 10.83 0.04 26.28
N ALA B 179 10.16 -1.09 26.40
CA ALA B 179 8.88 -1.14 27.09
C ALA B 179 9.08 -0.67 28.53
N ASP B 180 10.23 -1.03 29.14
CA ASP B 180 10.53 -0.63 30.50
C ASP B 180 10.74 0.88 30.54
N GLU B 181 11.51 1.41 29.59
CA GLU B 181 11.80 2.80 29.51
C GLU B 181 10.54 3.57 29.33
N LEU B 182 9.65 3.08 28.47
CA LEU B 182 8.49 3.90 28.09
C LEU B 182 7.20 3.57 28.87
N ASP B 183 7.27 2.72 29.88
CA ASP B 183 6.05 2.30 30.57
C ASP B 183 5.02 1.67 29.67
N CYS B 184 5.43 0.70 28.86
CA CYS B 184 4.55 -0.04 27.97
C CYS B 184 4.56 -1.49 28.50
N GLY B 185 3.54 -2.24 28.17
CA GLY B 185 3.66 -3.74 28.25
C GLY B 185 4.62 -4.34 27.26
N PHE B 186 5.10 -5.54 27.56
CA PHE B 186 5.98 -6.31 26.64
C PHE B 186 5.59 -7.74 26.61
N PHE B 187 5.64 -8.33 25.44
CA PHE B 187 5.53 -9.80 25.24
C PHE B 187 6.49 -10.23 24.19
N ASP B 188 7.22 -11.33 24.45
CA ASP B 188 8.09 -11.88 23.42
C ASP B 188 7.34 -12.90 22.59
N GLY B 189 6.99 -12.53 21.37
CA GLY B 189 6.33 -13.46 20.51
C GLY B 189 7.07 -14.73 20.25
N GLY B 190 8.38 -14.66 20.19
CA GLY B 190 9.18 -15.83 19.94
C GLY B 190 9.17 -16.84 21.11
N SER B 191 8.63 -16.40 22.24
CA SER B 191 8.51 -17.28 23.46
C SER B 191 7.45 -18.31 23.22
N VAL B 192 6.50 -17.99 22.39
CA VAL B 192 5.32 -18.89 22.20
C VAL B 192 5.19 -19.41 20.80
N ALA B 193 5.96 -18.88 19.86
CA ALA B 193 5.86 -19.27 18.47
C ALA B 193 7.19 -19.27 17.73
N ARG B 194 7.23 -19.99 16.61
CA ARG B 194 8.40 -20.04 15.79
C ARG B 194 7.99 -19.81 14.36
N THR B 195 8.90 -19.23 13.61
CA THR B 195 8.73 -19.03 12.20
C THR B 195 8.87 -20.32 11.43
N THR B 196 8.31 -20.40 10.24
CA THR B 196 8.47 -21.57 9.38
C THR B 196 9.74 -21.49 8.51
N PRO B 197 10.46 -22.63 8.40
CA PRO B 197 11.57 -22.66 7.49
C PRO B 197 11.16 -22.68 6.03
N ILE B 198 9.90 -22.78 5.70
CA ILE B 198 9.48 -22.65 4.33
C ILE B 198 10.00 -21.32 3.70
N ASP B 199 9.97 -20.24 4.48
CA ASP B 199 10.51 -18.98 4.02
C ASP B 199 11.23 -18.20 5.05
N GLY B 200 11.36 -18.67 6.30
CA GLY B 200 12.22 -18.09 7.29
C GLY B 200 11.59 -16.99 8.15
N VAL B 201 10.41 -16.50 7.73
CA VAL B 201 9.83 -15.33 8.40
C VAL B 201 8.37 -15.43 8.81
N HIS B 202 7.57 -16.18 8.07
CA HIS B 202 6.17 -16.28 8.39
C HIS B 202 5.81 -17.29 9.45
N LEU B 203 4.56 -17.31 9.82
CA LEU B 203 4.05 -18.23 10.86
C LEU B 203 2.98 -19.12 10.28
N ASP B 204 3.03 -20.40 10.57
CA ASP B 204 1.98 -21.26 10.10
C ASP B 204 0.73 -21.05 10.93
N ALA B 205 -0.36 -21.72 10.59
CA ALA B 205 -1.62 -21.40 11.33
C ALA B 205 -1.48 -21.71 12.81
N GLU B 206 -0.84 -22.83 13.16
CA GLU B 206 -0.78 -23.15 14.58
C GLU B 206 -0.01 -22.13 15.44
N ASN B 207 1.13 -21.72 14.92
CA ASN B 207 2.01 -20.79 15.60
C ASN B 207 1.37 -19.34 15.65
N THR B 208 0.59 -19.04 14.62
CA THR B 208 -0.15 -17.75 14.58
C THR B 208 -1.19 -17.73 15.69
N ARG B 209 -1.90 -18.87 15.81
CA ARG B 209 -2.90 -18.99 16.79
C ARG B 209 -2.29 -18.90 18.16
N ALA B 210 -1.09 -19.45 18.33
CA ALA B 210 -0.42 -19.43 19.60
C ALA B 210 -0.05 -18.06 20.06
N VAL B 211 0.35 -17.18 19.14
CA VAL B 211 0.60 -15.79 19.57
C VAL B 211 -0.61 -15.17 20.23
N GLY B 212 -1.79 -15.36 19.66
CA GLY B 212 -3.03 -14.76 20.20
C GLY B 212 -3.37 -15.21 21.60
N ARG B 213 -3.22 -16.50 21.80
CA ARG B 213 -3.45 -17.06 23.11
C ARG B 213 -2.39 -16.65 24.13
N GLY B 214 -1.14 -16.63 23.69
CA GLY B 214 -0.10 -16.21 24.53
C GLY B 214 -0.20 -14.81 25.05
N LEU B 215 -0.82 -13.96 24.20
CA LEU B 215 -1.01 -12.55 24.57
C LEU B 215 -2.14 -12.35 25.56
N GLU B 216 -3.08 -13.31 25.62
CA GLU B 216 -4.28 -13.14 26.43
C GLU B 216 -4.02 -12.68 27.84
N PRO B 217 -3.10 -13.37 28.57
CA PRO B 217 -2.85 -12.97 29.95
C PRO B 217 -2.37 -11.52 30.17
N VAL B 218 -1.39 -11.11 29.35
CA VAL B 218 -0.88 -9.75 29.49
C VAL B 218 -1.95 -8.71 29.01
N VAL B 219 -2.71 -9.01 27.96
CA VAL B 219 -3.75 -8.12 27.52
C VAL B 219 -4.77 -7.95 28.64
N ARG B 220 -5.23 -9.09 29.19
CA ARG B 220 -6.13 -9.03 30.36
C ARG B 220 -5.59 -8.16 31.48
N MET B 221 -4.35 -8.34 31.87
CA MET B 221 -3.82 -7.54 32.98
C MET B 221 -3.80 -6.07 32.62
N MET B 222 -3.42 -5.72 31.37
CA MET B 222 -3.35 -4.32 31.01
C MET B 222 -4.72 -3.69 30.96
N LEU B 223 -5.74 -4.50 30.67
CA LEU B 223 -7.10 -3.98 30.51
C LEU B 223 -7.91 -4.13 31.82
N GLY B 224 -7.39 -4.83 32.83
CA GLY B 224 -8.15 -5.09 34.09
C GLY B 224 -9.24 -6.10 33.85
N LEU B 225 -8.94 -7.05 32.97
CA LEU B 225 -9.87 -7.86 32.18
C LEU B 225 -10.77 -7.13 31.15
N MET C 13 0.54 1.25 -36.33
CA MET C 13 1.92 1.66 -35.84
C MET C 13 2.06 1.32 -34.36
N LYS C 14 3.19 0.77 -33.94
CA LYS C 14 3.39 0.23 -32.58
C LYS C 14 4.08 1.32 -31.77
N THR C 15 3.74 1.43 -30.49
CA THR C 15 4.37 2.50 -29.68
C THR C 15 5.14 1.81 -28.57
N VAL C 16 6.41 2.25 -28.42
CA VAL C 16 7.37 1.58 -27.53
C VAL C 16 7.90 2.61 -26.57
N LEU C 17 7.71 2.37 -25.29
CA LEU C 17 8.24 3.30 -24.27
C LEU C 17 9.48 2.66 -23.67
N CYS C 18 10.57 3.43 -23.68
CA CYS C 18 11.86 2.98 -23.18
C CYS C 18 12.08 3.73 -21.81
N TYR C 19 11.95 3.01 -20.73
CA TYR C 19 11.99 3.62 -19.37
C TYR C 19 13.30 3.22 -18.68
N GLY C 20 14.17 4.20 -18.56
CA GLY C 20 15.50 3.95 -18.02
C GLY C 20 16.15 5.03 -17.23
N ASP C 21 17.47 4.89 -17.11
CA ASP C 21 18.26 5.80 -16.33
C ASP C 21 19.34 6.46 -17.24
N SER C 22 20.34 7.13 -16.65
CA SER C 22 21.39 7.64 -17.52
C SER C 22 21.90 6.85 -18.71
N LEU C 23 21.88 5.53 -18.64
CA LEU C 23 22.27 4.68 -19.82
C LEU C 23 21.30 4.91 -20.96
N THR C 24 20.04 5.20 -20.63
CA THR C 24 19.00 5.51 -21.64
C THR C 24 18.94 6.99 -22.02
N TRP C 25 19.17 7.92 -21.07
CA TRP C 25 19.36 9.33 -21.35
C TRP C 25 20.49 9.50 -22.37
N GLY C 26 21.55 8.74 -22.11
CA GLY C 26 22.77 8.67 -22.99
C GLY C 26 23.90 9.52 -22.39
N TYR C 27 24.40 9.11 -21.23
CA TYR C 27 25.41 9.89 -20.54
C TYR C 27 26.79 9.69 -21.19
N ASP C 28 27.41 10.77 -21.65
CA ASP C 28 28.82 10.70 -22.25
C ASP C 28 29.86 11.07 -21.17
N ALA C 29 30.45 10.05 -20.63
CA ALA C 29 31.40 10.16 -19.52
C ALA C 29 32.73 10.73 -20.01
N THR C 30 32.97 10.60 -21.31
CA THR C 30 34.24 11.12 -21.86
C THR C 30 34.17 12.63 -21.81
N GLY C 31 33.01 13.17 -22.25
CA GLY C 31 32.77 14.61 -22.35
C GLY C 31 31.95 15.20 -21.22
N SER C 32 31.43 14.38 -20.30
CA SER C 32 30.50 14.86 -19.20
C SER C 32 29.31 15.60 -19.83
N GLY C 33 28.69 14.95 -20.80
CA GLY C 33 27.64 15.61 -21.58
C GLY C 33 26.69 14.50 -21.99
N ARG C 34 25.89 14.76 -23.03
CA ARG C 34 24.90 13.79 -23.52
C ARG C 34 25.32 13.26 -24.90
N HIS C 35 25.24 11.95 -25.11
CA HIS C 35 25.44 11.39 -26.44
C HIS C 35 24.52 12.07 -27.43
N ALA C 36 24.97 12.20 -28.69
CA ALA C 36 24.08 12.63 -29.74
C ALA C 36 22.84 11.78 -29.84
N LEU C 37 21.76 12.43 -30.29
CA LEU C 37 20.50 11.71 -30.49
C LEU C 37 20.66 10.38 -31.15
N GLU C 38 21.37 10.36 -32.31
CA GLU C 38 21.45 9.16 -33.07
C GLU C 38 22.24 8.04 -32.44
N ASP C 39 23.01 8.35 -31.37
CA ASP C 39 23.75 7.33 -30.67
C ASP C 39 23.01 6.73 -29.42
N ARG C 40 21.88 7.32 -29.05
CA ARG C 40 21.13 6.81 -27.88
C ARG C 40 20.44 5.50 -28.27
N TRP C 41 20.30 4.53 -27.36
CA TRP C 41 19.85 3.25 -27.75
C TRP C 41 18.40 3.26 -28.23
N PRO C 42 17.51 4.11 -27.63
CA PRO C 42 16.12 4.15 -28.25
C PRO C 42 16.10 4.69 -29.72
N SER C 43 17.06 5.52 -30.03
CA SER C 43 17.09 6.15 -31.37
C SER C 43 17.56 5.08 -32.37
N VAL C 44 18.59 4.27 -31.98
CA VAL C 44 19.06 3.11 -32.77
C VAL C 44 17.97 2.08 -33.01
N LEU C 45 17.19 1.86 -31.98
CA LEU C 45 16.08 0.98 -32.09
C LEU C 45 14.99 1.53 -33.05
N GLN C 46 14.64 2.79 -32.94
CA GLN C 46 13.67 3.44 -33.80
C GLN C 46 14.13 3.32 -35.25
N LYS C 47 15.41 3.60 -35.49
CA LYS C 47 15.97 3.60 -36.88
C LYS C 47 15.80 2.24 -37.46
N ALA C 48 16.10 1.21 -36.68
CA ALA C 48 15.99 -0.14 -37.11
C ALA C 48 14.57 -0.58 -37.36
N LEU C 49 13.59 -0.10 -36.55
CA LEU C 49 12.19 -0.50 -36.78
C LEU C 49 11.53 0.33 -37.89
N GLY C 50 12.04 1.53 -38.13
CA GLY C 50 11.45 2.46 -39.03
C GLY C 50 10.03 2.84 -38.71
N SER C 51 9.23 3.03 -39.74
CA SER C 51 7.91 3.65 -39.60
C SER C 51 6.85 2.73 -39.00
N ASP C 52 7.17 1.47 -38.82
CA ASP C 52 6.28 0.59 -38.14
C ASP C 52 6.13 0.87 -36.60
N ALA C 53 7.04 1.70 -36.06
CA ALA C 53 7.06 1.97 -34.60
C ALA C 53 7.35 3.38 -34.36
N HIS C 54 6.89 3.82 -33.18
CA HIS C 54 7.20 5.12 -32.69
C HIS C 54 7.81 4.84 -31.28
N VAL C 55 9.12 5.10 -31.13
CA VAL C 55 9.82 4.87 -29.87
C VAL C 55 9.95 6.18 -29.10
N ILE C 56 9.69 6.09 -27.76
CA ILE C 56 9.67 7.21 -26.87
C ILE C 56 10.74 6.91 -25.81
N ALA C 57 11.66 7.85 -25.66
CA ALA C 57 12.79 7.68 -24.75
C ALA C 57 12.48 8.44 -23.47
N GLU C 58 12.53 7.77 -22.33
CA GLU C 58 12.34 8.36 -21.01
C GLU C 58 13.43 7.86 -20.07
N GLY C 59 14.59 8.39 -20.30
CA GLY C 59 15.74 8.12 -19.50
C GLY C 59 16.12 9.18 -18.55
N LEU C 60 16.21 8.84 -17.25
CA LEU C 60 16.43 9.84 -16.21
C LEU C 60 17.72 9.52 -15.40
N ASN C 61 18.69 10.44 -15.41
CA ASN C 61 19.99 10.16 -14.72
C ASN C 61 19.68 9.91 -13.21
N GLY C 62 20.24 8.80 -12.76
CA GLY C 62 20.13 8.40 -11.36
C GLY C 62 18.84 7.64 -11.01
N ARG C 63 17.98 7.39 -11.99
CA ARG C 63 16.71 6.68 -11.68
C ARG C 63 16.92 5.29 -11.13
N THR C 64 16.30 5.02 -9.99
CA THR C 64 16.29 3.73 -9.36
C THR C 64 15.03 2.96 -9.71
N THR C 65 14.99 1.68 -9.40
CA THR C 65 13.79 0.93 -9.68
C THR C 65 12.59 1.47 -8.88
N ALA C 66 12.75 1.60 -7.58
CA ALA C 66 11.65 1.94 -6.72
C ALA C 66 11.99 2.83 -5.53
N TYR C 67 13.26 3.16 -5.42
CA TYR C 67 13.76 3.88 -4.27
C TYR C 67 13.99 5.37 -4.33
N ASP C 68 13.72 6.04 -3.23
CA ASP C 68 13.98 7.48 -3.24
C ASP C 68 15.46 7.87 -3.22
N ASP C 69 15.77 8.93 -3.94
CA ASP C 69 17.13 9.54 -4.01
C ASP C 69 16.92 11.02 -4.13
N HIS C 70 17.29 11.81 -3.10
CA HIS C 70 17.01 13.27 -3.06
C HIS C 70 18.21 14.11 -3.49
N LEU C 71 19.17 13.49 -4.15
CA LEU C 71 20.42 14.19 -4.42
C LEU C 71 20.41 14.94 -5.76
N ALA C 72 19.30 15.01 -6.48
CA ALA C 72 19.24 15.77 -7.77
C ALA C 72 17.88 16.44 -7.87
N ASP C 73 17.77 17.32 -8.86
CA ASP C 73 16.62 18.18 -9.04
C ASP C 73 15.60 17.39 -9.90
N CYS C 74 15.12 16.31 -9.32
CA CYS C 74 14.19 15.41 -10.01
C CYS C 74 13.75 14.38 -9.02
N ASP C 75 12.72 13.67 -9.39
CA ASP C 75 12.33 12.47 -8.63
C ASP C 75 12.89 11.21 -9.26
N ARG C 76 13.93 10.63 -8.60
CA ARG C 76 14.61 9.43 -9.11
C ARG C 76 13.98 8.12 -8.80
N ASN C 77 12.83 8.08 -8.07
CA ASN C 77 12.13 6.83 -7.80
C ASN C 77 11.37 6.37 -9.00
N GLY C 78 11.85 5.29 -9.64
CA GLY C 78 11.29 4.84 -10.89
C GLY C 78 9.79 4.52 -10.74
N ALA C 79 9.44 3.90 -9.63
CA ALA C 79 8.04 3.44 -9.38
C ALA C 79 7.09 4.63 -9.13
N ARG C 80 7.54 5.65 -8.44
CA ARG C 80 6.65 6.77 -8.19
C ARG C 80 6.31 7.53 -9.43
N VAL C 81 7.26 7.67 -10.31
CA VAL C 81 7.12 8.49 -11.53
C VAL C 81 6.40 7.70 -12.63
N LEU C 82 6.57 6.37 -12.66
CA LEU C 82 6.16 5.57 -13.85
C LEU C 82 4.69 5.79 -14.22
N PRO C 83 3.75 5.81 -13.23
CA PRO C 83 2.37 6.02 -13.65
C PRO C 83 2.16 7.28 -14.49
N THR C 84 2.78 8.40 -14.12
CA THR C 84 2.66 9.65 -14.83
C THR C 84 3.20 9.49 -16.26
N VAL C 85 4.33 8.82 -16.42
CA VAL C 85 4.95 8.56 -17.72
C VAL C 85 4.06 7.64 -18.61
N LEU C 86 3.54 6.61 -18.01
CA LEU C 86 2.62 5.69 -18.72
C LEU C 86 1.45 6.44 -19.20
N HIS C 87 0.90 7.29 -18.35
CA HIS C 87 -0.27 8.06 -18.76
C HIS C 87 -0.05 9.09 -19.85
N THR C 88 1.15 9.71 -19.86
CA THR C 88 1.59 10.69 -20.83
C THR C 88 1.69 10.10 -22.20
N HIS C 89 2.14 8.86 -22.23
CA HIS C 89 2.49 8.22 -23.53
C HIS C 89 1.57 7.12 -24.01
N ALA C 90 0.54 6.81 -23.22
CA ALA C 90 -0.48 5.78 -23.64
C ALA C 90 -1.16 6.24 -24.93
N PRO C 91 -1.70 5.27 -25.71
CA PRO C 91 -1.61 3.83 -25.49
C PRO C 91 -0.23 3.27 -25.98
N LEU C 92 0.22 2.26 -25.27
CA LEU C 92 1.57 1.69 -25.45
C LEU C 92 1.46 0.21 -25.79
N ASP C 93 2.20 -0.20 -26.84
CA ASP C 93 2.30 -1.62 -27.21
C ASP C 93 3.41 -2.37 -26.50
N LEU C 94 4.45 -1.62 -26.12
CA LEU C 94 5.59 -2.24 -25.47
C LEU C 94 6.26 -1.26 -24.52
N ILE C 95 6.51 -1.74 -23.30
CA ILE C 95 7.40 -1.06 -22.35
C ILE C 95 8.73 -1.83 -22.27
N VAL C 96 9.81 -1.12 -22.52
CA VAL C 96 11.16 -1.68 -22.35
C VAL C 96 11.80 -1.02 -21.14
N PHE C 97 12.04 -1.79 -20.11
CA PHE C 97 12.72 -1.30 -18.92
C PHE C 97 14.24 -1.61 -18.97
N MET C 98 15.05 -0.61 -18.64
CA MET C 98 16.52 -0.88 -18.38
C MET C 98 16.96 -0.06 -17.18
N LEU C 99 16.74 -0.68 -16.02
CA LEU C 99 17.07 -0.12 -14.71
C LEU C 99 17.71 -1.12 -13.81
N GLY C 100 18.40 -0.61 -12.82
CA GLY C 100 19.05 -1.41 -11.81
C GLY C 100 20.45 -0.98 -11.44
N SER C 101 21.13 -0.25 -12.31
CA SER C 101 22.49 0.19 -12.01
C SER C 101 22.50 1.13 -10.79
N ASN C 102 21.49 2.00 -10.66
CA ASN C 102 21.52 2.89 -9.48
C ASN C 102 21.18 2.19 -8.17
N ASP C 103 20.43 1.11 -8.27
CA ASP C 103 20.08 0.26 -7.15
C ASP C 103 21.40 -0.36 -6.53
N MET C 104 22.45 -0.43 -7.32
CA MET C 104 23.70 -0.94 -6.81
C MET C 104 24.45 -0.01 -5.89
N LYS C 105 24.00 1.26 -5.72
CA LYS C 105 24.56 2.14 -4.79
C LYS C 105 24.20 1.69 -3.36
N PRO C 106 25.18 1.56 -2.49
CA PRO C 106 24.80 1.23 -1.12
C PRO C 106 23.84 2.19 -0.47
N ILE C 107 23.95 3.46 -0.75
CA ILE C 107 22.99 4.40 -0.20
C ILE C 107 21.55 4.04 -0.55
N ILE C 108 21.35 3.51 -1.75
CA ILE C 108 20.02 3.16 -2.21
C ILE C 108 19.64 1.80 -1.62
N HIS C 109 20.47 0.80 -1.80
CA HIS C 109 20.41 -0.42 -1.04
C HIS C 109 21.54 -1.38 -1.43
N GLY C 110 21.96 -1.31 -2.66
CA GLY C 110 23.12 -2.03 -3.09
C GLY C 110 22.94 -3.50 -3.45
N THR C 111 21.71 -3.97 -3.58
CA THR C 111 21.48 -5.42 -3.66
C THR C 111 20.82 -5.74 -5.01
N ALA C 112 21.36 -6.75 -5.69
CA ALA C 112 20.70 -7.27 -6.89
C ALA C 112 19.28 -7.67 -6.56
N PHE C 113 19.06 -8.25 -5.38
CA PHE C 113 17.73 -8.74 -5.11
C PHE C 113 16.75 -7.57 -4.95
N GLY C 114 17.14 -6.47 -4.32
CA GLY C 114 16.23 -5.32 -4.24
C GLY C 114 15.88 -4.72 -5.59
N ALA C 115 16.80 -4.80 -6.53
CA ALA C 115 16.60 -4.32 -7.90
C ALA C 115 15.58 -5.16 -8.61
N VAL C 116 15.65 -6.51 -8.44
CA VAL C 116 14.66 -7.35 -9.11
C VAL C 116 13.21 -7.17 -8.50
N LYS C 117 13.11 -6.93 -7.18
CA LYS C 117 11.85 -6.65 -6.58
C LYS C 117 11.35 -5.32 -7.11
N GLY C 118 12.27 -4.39 -7.32
CA GLY C 118 11.79 -3.07 -7.89
C GLY C 118 11.29 -3.24 -9.29
N ILE C 119 11.99 -4.06 -10.09
CA ILE C 119 11.45 -4.29 -11.48
C ILE C 119 10.09 -4.92 -11.43
N GLU C 120 9.90 -5.87 -10.52
CA GLU C 120 8.61 -6.53 -10.31
C GLU C 120 7.51 -5.54 -10.02
N ARG C 121 7.79 -4.56 -9.18
CA ARG C 121 6.81 -3.50 -8.89
C ARG C 121 6.49 -2.69 -10.15
N LEU C 122 7.50 -2.36 -10.91
CA LEU C 122 7.32 -1.63 -12.15
C LEU C 122 6.46 -2.41 -13.17
N VAL C 123 6.68 -3.73 -13.25
CA VAL C 123 5.86 -4.59 -14.12
C VAL C 123 4.36 -4.53 -13.70
N ASN C 124 4.17 -4.56 -12.38
CA ASN C 124 2.80 -4.51 -11.84
C ASN C 124 2.13 -3.17 -12.06
N LEU C 125 2.93 -2.10 -11.99
CA LEU C 125 2.42 -0.80 -12.28
C LEU C 125 1.93 -0.69 -13.71
N VAL C 126 2.65 -1.27 -14.67
CA VAL C 126 2.18 -1.29 -16.03
C VAL C 126 0.87 -2.10 -16.14
N ARG C 127 0.88 -3.28 -15.56
CA ARG C 127 -0.25 -4.19 -15.70
C ARG C 127 -1.55 -3.70 -15.07
N ARG C 128 -1.44 -2.88 -14.04
CA ARG C 128 -2.60 -2.35 -13.31
C ARG C 128 -2.90 -0.87 -13.62
N HIS C 129 -2.20 -0.26 -14.55
CA HIS C 129 -2.37 1.12 -14.86
C HIS C 129 -3.77 1.43 -15.34
N ASP C 130 -4.36 2.51 -14.82
CA ASP C 130 -5.69 3.03 -15.36
C ASP C 130 -5.51 3.98 -16.50
N TRP C 131 -5.48 3.41 -17.71
CA TRP C 131 -5.16 4.12 -18.94
C TRP C 131 -6.06 5.31 -19.20
N PRO C 132 -5.58 6.36 -19.89
CA PRO C 132 -6.37 7.60 -20.06
C PRO C 132 -7.64 7.38 -20.88
N THR C 133 -7.61 6.35 -21.72
CA THR C 133 -8.77 5.98 -22.58
C THR C 133 -8.92 4.48 -22.60
N GLU C 134 -10.09 4.03 -23.07
CA GLU C 134 -10.45 2.63 -22.94
C GLU C 134 -9.48 1.75 -23.67
N THR C 135 -8.98 0.77 -22.94
CA THR C 135 -7.89 -0.02 -23.40
C THR C 135 -8.23 -1.49 -23.17
N GLU C 136 -8.20 -2.27 -24.24
CA GLU C 136 -8.54 -3.70 -24.15
C GLU C 136 -7.43 -4.51 -23.46
N GLU C 137 -6.19 -4.33 -23.91
CA GLU C 137 -5.06 -5.22 -23.57
C GLU C 137 -3.86 -4.48 -22.95
N GLY C 138 -3.25 -5.12 -21.93
CA GLY C 138 -1.94 -4.76 -21.43
C GLY C 138 -0.87 -4.64 -22.55
N PRO C 139 -0.07 -3.59 -22.50
CA PRO C 139 1.19 -3.62 -23.24
C PRO C 139 2.00 -4.87 -22.93
N GLU C 140 2.87 -5.23 -23.87
CA GLU C 140 3.88 -6.20 -23.62
C GLU C 140 4.98 -5.49 -22.84
N ILE C 141 5.79 -6.27 -22.14
CA ILE C 141 6.89 -5.73 -21.30
C ILE C 141 8.16 -6.53 -21.56
N LEU C 142 9.24 -5.81 -21.79
CA LEU C 142 10.58 -6.36 -22.02
C LEU C 142 11.46 -5.85 -20.90
N ILE C 143 11.97 -6.77 -20.12
CA ILE C 143 12.91 -6.44 -19.03
C ILE C 143 14.33 -6.56 -19.60
N VAL C 144 15.12 -5.49 -19.49
CA VAL C 144 16.54 -5.54 -19.98
C VAL C 144 17.47 -5.43 -18.76
N SER C 145 18.41 -6.34 -18.59
CA SER C 145 19.42 -6.17 -17.55
C SER C 145 20.46 -5.24 -18.11
N PRO C 146 20.84 -4.22 -17.36
CA PRO C 146 21.79 -3.28 -17.84
C PRO C 146 23.16 -3.95 -17.95
N PRO C 147 24.02 -3.42 -18.82
CA PRO C 147 25.45 -3.84 -18.77
C PRO C 147 26.05 -3.68 -17.38
N PRO C 148 26.69 -4.72 -16.87
CA PRO C 148 27.18 -4.70 -15.50
C PRO C 148 28.28 -3.68 -15.21
N LEU C 149 28.37 -3.28 -13.96
CA LEU C 149 29.33 -2.27 -13.57
C LEU C 149 30.76 -2.83 -13.69
N CYS C 150 31.70 -1.95 -13.94
CA CYS C 150 33.09 -2.34 -13.99
C CYS C 150 33.92 -1.63 -12.90
N GLU C 151 35.13 -2.10 -12.66
CA GLU C 151 36.00 -1.44 -11.72
C GLU C 151 36.46 -0.14 -12.25
N THR C 152 36.56 0.83 -11.34
CA THR C 152 37.03 2.15 -11.67
C THR C 152 37.94 2.68 -10.59
N ALA C 153 38.83 3.55 -11.01
CA ALA C 153 39.75 4.24 -10.13
C ALA C 153 39.18 5.56 -9.75
N ASN C 154 38.04 5.93 -10.32
CA ASN C 154 37.40 7.17 -9.98
C ASN C 154 36.92 7.03 -8.57
N SER C 155 37.52 7.75 -7.66
CA SER C 155 37.31 7.47 -6.26
C SER C 155 35.82 7.78 -5.83
N ALA C 156 35.29 8.88 -6.31
CA ALA C 156 33.84 9.23 -6.04
C ALA C 156 32.91 8.10 -6.50
N PHE C 157 33.04 7.66 -7.76
CA PHE C 157 32.23 6.58 -8.24
C PHE C 157 32.45 5.27 -7.56
N ALA C 158 33.72 4.94 -7.15
CA ALA C 158 33.96 3.69 -6.58
C ALA C 158 33.31 3.64 -5.19
N ALA C 159 33.23 4.77 -4.55
CA ALA C 159 32.51 4.88 -3.26
C ALA C 159 30.99 4.78 -3.48
N MET C 160 30.51 5.58 -4.40
CA MET C 160 29.05 5.64 -4.73
C MET C 160 28.48 4.27 -5.00
N PHE C 161 29.29 3.44 -5.70
CA PHE C 161 28.89 2.15 -6.18
C PHE C 161 29.68 0.98 -5.55
N ALA C 162 30.18 1.22 -4.35
CA ALA C 162 30.96 0.25 -3.61
C ALA C 162 30.27 -1.09 -3.51
N GLY C 163 30.94 -2.15 -3.99
CA GLY C 163 30.34 -3.46 -4.01
C GLY C 163 29.41 -3.81 -5.17
N GLY C 164 29.21 -2.85 -6.07
CA GLY C 164 28.26 -3.06 -7.13
C GLY C 164 28.76 -3.83 -8.32
N VAL C 165 30.08 -3.98 -8.47
CA VAL C 165 30.58 -4.85 -9.58
C VAL C 165 30.01 -6.24 -9.37
N GLU C 166 30.17 -6.74 -8.17
CA GLU C 166 29.74 -8.06 -7.83
C GLU C 166 28.24 -8.22 -7.82
N GLN C 167 27.54 -7.28 -7.22
CA GLN C 167 26.07 -7.36 -7.25
C GLN C 167 25.45 -7.17 -8.66
N SER C 168 26.01 -6.30 -9.47
CA SER C 168 25.43 -6.00 -10.78
C SER C 168 25.53 -7.17 -11.73
N ALA C 169 26.58 -7.99 -11.57
CA ALA C 169 26.72 -9.27 -12.31
C ALA C 169 25.63 -10.26 -12.07
N MET C 170 24.89 -10.10 -10.97
CA MET C 170 23.74 -10.99 -10.63
C MET C 170 22.37 -10.50 -11.23
N LEU C 171 22.35 -9.31 -11.78
CA LEU C 171 21.06 -8.80 -12.35
C LEU C 171 20.57 -9.64 -13.56
N ALA C 172 21.48 -9.97 -14.48
CA ALA C 172 21.01 -10.75 -15.64
C ALA C 172 20.24 -12.05 -15.29
N PRO C 173 20.81 -12.95 -14.46
CA PRO C 173 20.09 -14.18 -14.10
C PRO C 173 18.82 -13.93 -13.29
N LEU C 174 18.86 -12.99 -12.36
CA LEU C 174 17.65 -12.68 -11.63
C LEU C 174 16.59 -12.09 -12.52
N TYR C 175 16.98 -11.14 -13.40
CA TYR C 175 15.98 -10.46 -14.26
C TYR C 175 15.40 -11.49 -15.24
N ARG C 176 16.28 -12.38 -15.76
CA ARG C 176 15.77 -13.48 -16.63
C ARG C 176 14.73 -14.35 -15.93
N ASP C 177 15.05 -14.75 -14.71
CA ASP C 177 14.12 -15.54 -13.88
C ASP C 177 12.77 -14.82 -13.61
N LEU C 178 12.83 -13.53 -13.28
CA LEU C 178 11.62 -12.71 -13.08
C LEU C 178 10.78 -12.66 -14.35
N ALA C 179 11.40 -12.39 -15.52
CA ALA C 179 10.73 -12.26 -16.77
C ALA C 179 9.95 -13.58 -17.08
N ASP C 180 10.60 -14.68 -16.77
CA ASP C 180 9.95 -16.02 -16.92
C ASP C 180 8.76 -16.11 -15.96
N GLU C 181 8.92 -15.66 -14.71
CA GLU C 181 7.83 -15.74 -13.73
C GLU C 181 6.67 -14.87 -14.15
N LEU C 182 6.94 -13.71 -14.72
CA LEU C 182 5.92 -12.73 -14.95
C LEU C 182 5.47 -12.66 -16.40
N ASP C 183 5.90 -13.59 -17.25
CA ASP C 183 5.53 -13.49 -18.67
C ASP C 183 5.86 -12.20 -19.36
N CYS C 184 7.12 -11.82 -19.19
CA CYS C 184 7.73 -10.68 -19.80
C CYS C 184 8.84 -11.20 -20.71
N GLY C 185 9.24 -10.35 -21.65
CA GLY C 185 10.42 -10.54 -22.49
C GLY C 185 11.66 -10.26 -21.63
N PHE C 186 12.82 -10.75 -22.06
CA PHE C 186 14.10 -10.54 -21.36
C PHE C 186 15.19 -10.34 -22.38
N PHE C 187 16.08 -9.39 -22.12
CA PHE C 187 17.31 -9.30 -22.89
C PHE C 187 18.43 -8.87 -21.93
N ASP C 188 19.60 -9.52 -22.06
CA ASP C 188 20.81 -9.08 -21.30
C ASP C 188 21.61 -8.03 -22.03
N GLY C 189 21.54 -6.78 -21.56
CA GLY C 189 22.23 -5.70 -22.20
C GLY C 189 23.74 -5.99 -22.19
N GLY C 190 24.18 -6.71 -21.19
CA GLY C 190 25.64 -6.90 -20.96
C GLY C 190 26.18 -7.89 -22.01
N SER C 191 25.24 -8.55 -22.71
CA SER C 191 25.65 -9.47 -23.83
C SER C 191 26.15 -8.75 -25.06
N VAL C 192 25.90 -7.47 -25.23
CA VAL C 192 26.32 -6.68 -26.39
C VAL C 192 27.13 -5.45 -26.09
N ALA C 193 27.23 -5.09 -24.80
CA ALA C 193 27.77 -3.81 -24.41
C ALA C 193 28.45 -3.94 -23.05
N ARG C 194 29.50 -3.15 -22.86
CA ARG C 194 30.18 -3.02 -21.56
C ARG C 194 30.20 -1.63 -21.11
N THR C 195 30.31 -1.46 -19.77
CA THR C 195 30.44 -0.18 -19.19
C THR C 195 31.89 0.35 -19.29
N THR C 196 32.05 1.62 -19.01
CA THR C 196 33.35 2.28 -19.12
C THR C 196 33.94 2.48 -17.72
N PRO C 197 35.26 2.26 -17.52
CA PRO C 197 35.97 2.55 -16.28
C PRO C 197 36.22 3.99 -16.01
N ILE C 198 35.88 4.90 -16.90
CA ILE C 198 35.91 6.29 -16.59
C ILE C 198 35.22 6.39 -15.21
N ASP C 199 34.06 5.74 -15.11
CA ASP C 199 33.24 5.82 -13.85
C ASP C 199 32.62 4.55 -13.42
N GLY C 200 32.76 3.50 -14.19
CA GLY C 200 32.37 2.18 -13.85
C GLY C 200 30.87 1.83 -14.16
N VAL C 201 30.11 2.81 -14.63
CA VAL C 201 28.66 2.63 -14.80
C VAL C 201 28.10 3.00 -16.21
N HIS C 202 28.71 4.00 -16.86
CA HIS C 202 28.21 4.58 -18.09
C HIS C 202 28.66 3.75 -19.35
N LEU C 203 28.03 4.06 -20.47
CA LEU C 203 28.30 3.51 -21.76
C LEU C 203 28.79 4.57 -22.70
N ASP C 204 29.86 4.23 -23.46
CA ASP C 204 30.30 5.14 -24.45
C ASP C 204 29.30 5.02 -25.63
N ALA C 205 29.56 5.81 -26.64
CA ALA C 205 28.61 5.96 -27.77
C ALA C 205 28.45 4.67 -28.45
N GLU C 206 29.55 3.94 -28.71
CA GLU C 206 29.43 2.69 -29.46
C GLU C 206 28.70 1.62 -28.70
N ASN C 207 28.98 1.51 -27.40
CA ASN C 207 28.33 0.50 -26.60
C ASN C 207 26.80 0.81 -26.39
N THR C 208 26.51 2.08 -26.38
CA THR C 208 25.05 2.55 -26.28
C THR C 208 24.33 2.11 -27.57
N ARG C 209 24.91 2.38 -28.73
CA ARG C 209 24.34 1.93 -29.97
C ARG C 209 24.15 0.43 -29.99
N ALA C 210 25.13 -0.30 -29.49
CA ALA C 210 25.02 -1.73 -29.44
C ALA C 210 23.83 -2.30 -28.69
N VAL C 211 23.48 -1.65 -27.58
CA VAL C 211 22.29 -2.05 -26.85
C VAL C 211 21.07 -1.92 -27.82
N GLY C 212 20.95 -0.80 -28.47
CA GLY C 212 19.81 -0.55 -29.40
C GLY C 212 19.74 -1.60 -30.52
N ARG C 213 20.91 -1.89 -31.13
CA ARG C 213 20.98 -2.89 -32.20
C ARG C 213 20.61 -4.26 -31.72
N GLY C 214 21.13 -4.62 -30.54
CA GLY C 214 20.87 -5.87 -29.95
C GLY C 214 19.45 -6.17 -29.55
N LEU C 215 18.74 -5.13 -29.15
CA LEU C 215 17.30 -5.31 -28.79
C LEU C 215 16.42 -5.52 -29.99
N GLU C 216 16.85 -5.15 -31.20
CA GLU C 216 15.87 -5.19 -32.36
C GLU C 216 15.17 -6.56 -32.51
N PRO C 217 15.90 -7.69 -32.46
CA PRO C 217 15.17 -8.94 -32.65
C PRO C 217 14.07 -9.27 -31.64
N VAL C 218 14.33 -9.11 -30.33
CA VAL C 218 13.31 -9.46 -29.32
C VAL C 218 12.19 -8.41 -29.41
N VAL C 219 12.50 -7.16 -29.68
CA VAL C 219 11.44 -6.13 -29.82
C VAL C 219 10.53 -6.46 -31.01
N ARG C 220 11.14 -6.81 -32.14
CA ARG C 220 10.31 -7.20 -33.26
C ARG C 220 9.44 -8.40 -32.92
N MET C 221 9.99 -9.36 -32.23
CA MET C 221 9.26 -10.55 -31.90
C MET C 221 8.08 -10.28 -30.97
N MET C 222 8.29 -9.41 -29.99
CA MET C 222 7.23 -9.01 -29.10
C MET C 222 6.19 -8.12 -29.74
N LEU C 223 6.53 -7.38 -30.77
CA LEU C 223 5.56 -6.55 -31.43
C LEU C 223 4.87 -7.26 -32.62
N GLY C 224 5.25 -8.49 -32.96
CA GLY C 224 4.75 -9.14 -34.20
C GLY C 224 5.28 -8.38 -35.42
N LEU C 225 6.46 -7.78 -35.23
CA LEU C 225 7.07 -6.77 -36.10
C LEU C 225 6.26 -5.48 -36.24
#